data_9K7I
#
_entry.id   9K7I
#
_cell.length_a   72.289
_cell.length_b   75.816
_cell.length_c   102.772
_cell.angle_alpha   90.00
_cell.angle_beta   90.00
_cell.angle_gamma   90.00
#
_symmetry.space_group_name_H-M   'P 21 21 21'
#
loop_
_entity.id
_entity.type
_entity.pdbx_description
1 polymer 'Gamma-glutamyl peptidase 1'
2 non-polymer 'GLUTAMIC ACID'
3 non-polymer 'ACETATE ION'
4 non-polymer GLYCEROL
5 water water
#
_entity_poly.entity_id   1
_entity_poly.type   'polypeptide(L)'
_entity_poly.pdbx_seq_one_letter_code
;MSYYHHHHHHMVEQKRYALFLATLDSEFVKKTYGGYHNVFVTTFGDEGEHWDSFRVVSGEFPDEKDLEKYDGFVISGSSH
DAFENDDWILKLCDIVKKIDEMKKKILGICFGHQIIARVRGGTVGRAKKGPELKLGDITIVKDAITPGSYFGNEIPDSIA
IIKCHQDEVLVLPETAKVLAYSKNYEVEMYSIEDHLFCIQGHPEYNKEILFEIVDRVLALGYVKQEFADAAKATMENRGA
DRKLWETICKNFLKGRVPTN
;
_entity_poly.pdbx_strand_id   A,B
#
loop_
_chem_comp.id
_chem_comp.type
_chem_comp.name
_chem_comp.formula
ACT non-polymer 'ACETATE ION' 'C2 H3 O2 -1'
GOL non-polymer GLYCEROL 'C3 H8 O3'
#
# COMPACT_ATOMS: atom_id res chain seq x y z
N GLU A 13 -19.71 4.61 -11.56
CA GLU A 13 -19.10 4.61 -10.21
C GLU A 13 -17.85 3.70 -10.22
N GLN A 14 -16.89 4.09 -9.39
CA GLN A 14 -15.56 3.51 -9.48
C GLN A 14 -15.60 2.13 -8.85
N LYS A 15 -14.93 1.13 -9.47
CA LYS A 15 -14.86 -0.22 -8.88
C LYS A 15 -13.52 -0.41 -8.18
N ARG A 16 -13.57 -0.87 -6.92
CA ARG A 16 -12.36 -1.01 -6.10
C ARG A 16 -12.32 -2.39 -5.47
N TYR A 17 -11.12 -2.96 -5.36
CA TYR A 17 -10.98 -4.30 -4.80
C TYR A 17 -9.82 -4.28 -3.84
N ALA A 18 -9.95 -5.00 -2.70
CA ALA A 18 -8.87 -5.04 -1.74
C ALA A 18 -8.26 -6.44 -1.80
N LEU A 19 -6.95 -6.53 -1.78
CA LEU A 19 -6.22 -7.79 -1.78
C LEU A 19 -5.51 -7.92 -0.44
N PHE A 20 -5.82 -8.99 0.30
CA PHE A 20 -5.12 -9.24 1.55
C PHE A 20 -3.99 -10.23 1.23
N LEU A 21 -2.77 -9.73 1.29
CA LEU A 21 -1.59 -10.54 1.01
C LEU A 21 -1.13 -11.11 2.34
N ALA A 22 -1.42 -12.40 2.48
CA ALA A 22 -1.06 -13.17 3.65
C ALA A 22 0.28 -13.85 3.38
N THR A 23 0.95 -13.48 2.29
CA THR A 23 2.30 -13.96 2.04
C THR A 23 3.19 -12.75 1.74
N LEU A 24 4.47 -12.88 2.07
CA LEU A 24 5.49 -12.03 1.51
C LEU A 24 5.81 -12.42 0.08
N ASP A 25 6.50 -11.54 -0.62
CA ASP A 25 6.90 -11.82 -1.98
C ASP A 25 8.18 -12.67 -1.93
N SER A 26 8.12 -13.81 -2.59
CA SER A 26 9.28 -14.65 -2.84
C SER A 26 10.23 -13.97 -3.82
N GLU A 27 11.49 -14.39 -3.78
CA GLU A 27 12.49 -13.83 -4.66
C GLU A 27 12.07 -13.95 -6.11
N PHE A 28 11.56 -15.14 -6.48
CA PHE A 28 11.24 -15.39 -7.87
C PHE A 28 10.09 -14.49 -8.27
N VAL A 29 9.09 -14.39 -7.38
CA VAL A 29 7.87 -13.65 -7.75
C VAL A 29 8.19 -12.15 -7.80
N LYS A 30 9.03 -11.66 -6.90
CA LYS A 30 9.45 -10.26 -6.91
C LYS A 30 10.18 -9.96 -8.22
N LYS A 31 11.17 -10.77 -8.54
CA LYS A 31 11.96 -10.52 -9.73
C LYS A 31 11.20 -10.74 -11.06
N THR A 32 10.27 -11.67 -11.11
CA THR A 32 9.67 -12.03 -12.39
C THR A 32 8.44 -11.14 -12.63
N TYR A 33 7.70 -10.82 -11.59
CA TYR A 33 6.37 -10.18 -11.76
C TYR A 33 6.29 -8.88 -11.01
N GLY A 34 7.26 -8.61 -10.13
CA GLY A 34 7.19 -7.43 -9.30
C GLY A 34 6.43 -7.60 -8.01
N GLY A 35 6.01 -8.83 -7.68
CA GLY A 35 5.43 -9.15 -6.41
C GLY A 35 4.06 -9.80 -6.58
N TYR A 36 3.48 -10.23 -5.45
CA TYR A 36 2.20 -10.88 -5.52
C TYR A 36 1.05 -9.92 -5.78
N HIS A 37 1.19 -8.64 -5.45
CA HIS A 37 0.17 -7.68 -5.84
C HIS A 37 -0.07 -7.80 -7.34
N ASN A 38 0.99 -7.65 -8.13
CA ASN A 38 0.89 -7.76 -9.57
C ASN A 38 0.35 -9.12 -10.04
N VAL A 39 0.83 -10.23 -9.44
CA VAL A 39 0.34 -11.55 -9.80
C VAL A 39 -1.19 -11.60 -9.69
N PHE A 40 -1.70 -11.11 -8.56
CA PHE A 40 -3.14 -11.18 -8.31
C PHE A 40 -3.92 -10.25 -9.22
N VAL A 41 -3.37 -9.05 -9.44
CA VAL A 41 -4.04 -8.09 -10.31
C VAL A 41 -4.01 -8.58 -11.75
N THR A 42 -2.91 -9.20 -12.18
CA THR A 42 -2.90 -9.82 -13.49
C THR A 42 -3.99 -10.90 -13.62
N THR A 43 -4.16 -11.74 -12.59
CA THR A 43 -5.10 -12.83 -12.66
C THR A 43 -6.54 -12.31 -12.62
N PHE A 44 -6.84 -11.43 -11.68
CA PHE A 44 -8.23 -11.16 -11.28
C PHE A 44 -8.73 -9.77 -11.65
N GLY A 45 -7.80 -8.93 -12.08
CA GLY A 45 -8.06 -7.55 -12.47
C GLY A 45 -8.57 -7.39 -13.91
N ASP A 46 -9.35 -6.32 -14.09
CA ASP A 46 -9.79 -5.79 -15.39
C ASP A 46 -9.45 -4.29 -15.43
N GLU A 47 -9.24 -3.77 -16.63
CA GLU A 47 -8.91 -2.36 -16.90
C GLU A 47 -9.87 -1.43 -16.16
N GLY A 48 -9.34 -0.38 -15.55
CA GLY A 48 -10.18 0.63 -14.93
C GLY A 48 -10.43 0.43 -13.44
N GLU A 49 -10.11 -0.75 -12.88
CA GLU A 49 -10.39 -0.98 -11.48
C GLU A 49 -9.26 -0.43 -10.60
N HIS A 50 -9.56 -0.10 -9.34
CA HIS A 50 -8.56 0.30 -8.39
C HIS A 50 -8.31 -0.93 -7.50
N TRP A 51 -7.07 -1.43 -7.41
CA TRP A 51 -6.73 -2.50 -6.47
C TRP A 51 -5.83 -1.99 -5.37
N ASP A 52 -6.28 -2.11 -4.13
CA ASP A 52 -5.42 -1.79 -3.02
C ASP A 52 -4.97 -3.09 -2.34
N SER A 53 -3.67 -3.29 -2.13
CA SER A 53 -3.26 -4.46 -1.34
C SER A 53 -2.74 -4.08 0.05
N PHE A 54 -2.88 -5.02 0.96
CA PHE A 54 -2.56 -4.89 2.36
C PHE A 54 -1.79 -6.14 2.75
N ARG A 55 -0.56 -5.95 3.20
CA ARG A 55 0.32 -7.05 3.56
C ARG A 55 -0.08 -7.46 4.97
N VAL A 56 -1.16 -8.24 5.05
CA VAL A 56 -1.73 -8.63 6.31
C VAL A 56 -0.72 -9.45 7.09
N VAL A 57 0.11 -10.26 6.41
CA VAL A 57 1.08 -11.06 7.15
C VAL A 57 2.05 -10.20 7.95
N SER A 58 2.25 -8.96 7.54
CA SER A 58 3.15 -7.98 8.20
C SER A 58 2.35 -7.06 9.13
N GLY A 59 1.07 -7.40 9.38
CA GLY A 59 0.20 -6.67 10.28
C GLY A 59 -0.41 -5.42 9.62
N GLU A 60 -0.38 -5.30 8.28
CA GLU A 60 -0.91 -4.12 7.59
C GLU A 60 -2.31 -4.38 7.07
N PHE A 61 -3.30 -3.62 7.58
CA PHE A 61 -4.69 -3.88 7.30
C PHE A 61 -5.40 -2.61 6.85
N PRO A 62 -6.50 -2.70 6.10
CA PRO A 62 -7.28 -1.50 5.81
C PRO A 62 -7.94 -1.00 7.09
N ASP A 63 -8.24 0.32 7.15
CA ASP A 63 -9.05 0.84 8.24
C ASP A 63 -10.43 0.22 8.12
N GLU A 64 -10.99 -0.11 9.29
CA GLU A 64 -12.34 -0.65 9.43
C GLU A 64 -13.39 0.24 8.78
N LYS A 65 -13.23 1.57 8.83
CA LYS A 65 -14.20 2.49 8.27
C LYS A 65 -14.06 2.60 6.75
N ASP A 66 -12.98 2.10 6.17
CA ASP A 66 -12.86 2.08 4.72
C ASP A 66 -13.37 0.80 4.06
N LEU A 67 -13.88 -0.18 4.80
CA LEU A 67 -14.28 -1.44 4.19
C LEU A 67 -15.45 -1.24 3.23
N GLU A 68 -16.34 -0.25 3.46
CA GLU A 68 -17.54 -0.08 2.61
C GLU A 68 -17.20 0.33 1.19
N LYS A 69 -16.08 0.99 0.93
CA LYS A 69 -15.83 1.47 -0.41
C LYS A 69 -15.42 0.34 -1.35
N TYR A 70 -15.05 -0.84 -0.80
CA TYR A 70 -14.60 -1.92 -1.68
C TYR A 70 -15.77 -2.77 -2.14
N ASP A 71 -15.70 -3.16 -3.41
CA ASP A 71 -16.70 -3.98 -4.09
C ASP A 71 -16.42 -5.47 -3.84
N GLY A 72 -15.21 -5.79 -3.34
CA GLY A 72 -14.87 -7.18 -3.12
C GLY A 72 -13.45 -7.27 -2.59
N PHE A 73 -13.14 -8.43 -2.02
CA PHE A 73 -11.89 -8.73 -1.36
C PHE A 73 -11.37 -10.05 -1.88
N VAL A 74 -10.07 -10.17 -1.91
CA VAL A 74 -9.38 -11.42 -2.20
C VAL A 74 -8.39 -11.67 -1.07
N ILE A 75 -8.40 -12.89 -0.53
CA ILE A 75 -7.43 -13.31 0.45
C ILE A 75 -6.49 -14.33 -0.23
N SER A 76 -5.19 -14.06 -0.18
CA SER A 76 -4.13 -14.82 -0.86
C SER A 76 -3.81 -16.07 -0.09
N GLY A 77 -2.91 -16.86 -0.69
CA GLY A 77 -2.25 -17.93 0.01
C GLY A 77 -1.23 -17.43 1.01
N SER A 78 -0.69 -18.40 1.81
CA SER A 78 0.29 -18.05 2.81
C SER A 78 1.14 -19.29 3.06
N SER A 79 2.37 -19.11 3.52
CA SER A 79 3.06 -20.26 4.10
C SER A 79 2.70 -20.52 5.57
N HIS A 80 1.95 -19.61 6.21
CA HIS A 80 1.49 -19.82 7.59
C HIS A 80 0.30 -20.76 7.64
N ASP A 81 0.00 -21.27 8.82
CA ASP A 81 -1.13 -22.17 8.95
C ASP A 81 -2.34 -21.34 9.35
N ALA A 82 -3.49 -21.63 8.74
CA ALA A 82 -4.70 -20.87 9.02
C ALA A 82 -5.27 -21.17 10.42
N PHE A 83 -4.74 -22.19 11.10
CA PHE A 83 -5.19 -22.56 12.44
C PHE A 83 -4.29 -21.96 13.51
N GLU A 84 -3.27 -21.20 13.14
CA GLU A 84 -2.37 -20.62 14.13
C GLU A 84 -2.96 -19.35 14.74
N ASN A 85 -2.36 -18.86 15.84
CA ASN A 85 -2.92 -17.74 16.59
C ASN A 85 -2.08 -16.49 16.63
N ASP A 86 -1.18 -16.30 15.66
CA ASP A 86 -0.42 -15.09 15.51
C ASP A 86 -1.37 -13.89 15.45
N ASP A 87 -0.92 -12.80 16.05
CA ASP A 87 -1.80 -11.63 16.15
C ASP A 87 -2.33 -11.19 14.80
N TRP A 88 -1.54 -11.21 13.73
CA TRP A 88 -2.09 -10.80 12.44
C TRP A 88 -3.17 -11.76 11.89
N ILE A 89 -3.10 -13.05 12.20
CA ILE A 89 -4.13 -14.01 11.84
C ILE A 89 -5.43 -13.77 12.60
N LEU A 90 -5.29 -13.46 13.90
CA LEU A 90 -6.47 -13.07 14.68
C LEU A 90 -7.12 -11.82 14.13
N LYS A 91 -6.33 -10.82 13.79
CA LYS A 91 -6.88 -9.58 13.27
C LYS A 91 -7.53 -9.84 11.88
N LEU A 92 -6.88 -10.66 11.04
CA LEU A 92 -7.45 -11.07 9.75
C LEU A 92 -8.81 -11.74 9.96
N CYS A 93 -8.91 -12.64 10.94
CA CYS A 93 -10.18 -13.35 11.14
C CYS A 93 -11.27 -12.37 11.61
N ASP A 94 -10.87 -11.39 12.43
CA ASP A 94 -11.82 -10.41 12.93
C ASP A 94 -12.28 -9.54 11.77
N ILE A 95 -11.35 -9.12 10.91
CA ILE A 95 -11.76 -8.27 9.80
C ILE A 95 -12.61 -9.06 8.79
N VAL A 96 -12.31 -10.34 8.56
CA VAL A 96 -13.10 -11.17 7.66
C VAL A 96 -14.51 -11.36 8.21
N LYS A 97 -14.65 -11.56 9.50
CA LYS A 97 -15.94 -11.62 10.18
C LYS A 97 -16.75 -10.34 9.91
N LYS A 98 -16.10 -9.17 10.00
CA LYS A 98 -16.78 -7.91 9.71
C LYS A 98 -17.22 -7.80 8.26
N ILE A 99 -16.32 -8.11 7.32
CA ILE A 99 -16.64 -8.01 5.89
C ILE A 99 -17.77 -9.00 5.53
N ASP A 100 -17.71 -10.17 6.15
CA ASP A 100 -18.69 -11.22 5.93
C ASP A 100 -20.07 -10.69 6.35
N GLU A 101 -20.15 -10.14 7.55
CA GLU A 101 -21.41 -9.59 8.06
C GLU A 101 -21.91 -8.45 7.19
N MET A 102 -21.02 -7.71 6.50
CA MET A 102 -21.39 -6.67 5.53
C MET A 102 -21.97 -7.28 4.25
N LYS A 103 -21.85 -8.60 4.09
CA LYS A 103 -22.24 -9.32 2.87
C LYS A 103 -21.41 -8.86 1.69
N LYS A 104 -20.15 -8.49 1.93
CA LYS A 104 -19.24 -8.13 0.86
C LYS A 104 -18.62 -9.41 0.29
N LYS A 105 -18.27 -9.39 -1.01
CA LYS A 105 -17.70 -10.55 -1.65
C LYS A 105 -16.26 -10.72 -1.18
N ILE A 106 -15.95 -11.95 -0.85
CA ILE A 106 -14.61 -12.38 -0.53
C ILE A 106 -14.34 -13.67 -1.31
N LEU A 107 -13.23 -13.62 -2.08
CA LEU A 107 -12.67 -14.80 -2.73
C LEU A 107 -11.49 -15.27 -1.90
N GLY A 108 -11.49 -16.51 -1.39
CA GLY A 108 -10.42 -17.00 -0.61
C GLY A 108 -9.65 -18.07 -1.39
N ILE A 109 -8.34 -17.88 -1.48
CA ILE A 109 -7.46 -18.79 -2.23
C ILE A 109 -6.52 -19.47 -1.23
N CYS A 110 -6.69 -20.77 -1.08
CA CYS A 110 -5.84 -21.66 -0.33
C CYS A 110 -5.89 -21.28 1.16
N PHE A 111 -4.85 -20.63 1.70
CA PHE A 111 -4.95 -20.04 3.01
C PHE A 111 -6.25 -19.25 3.22
N GLY A 112 -6.66 -18.45 2.26
CA GLY A 112 -7.88 -17.66 2.38
C GLY A 112 -9.16 -18.52 2.39
N HIS A 113 -9.15 -19.67 1.70
CA HIS A 113 -10.23 -20.68 1.73
C HIS A 113 -10.31 -21.23 3.15
N GLN A 114 -9.12 -21.47 3.70
CA GLN A 114 -9.07 -21.97 5.06
C GLN A 114 -9.55 -20.93 6.08
N ILE A 115 -9.07 -19.68 5.98
CA ILE A 115 -9.41 -18.61 6.92
C ILE A 115 -10.91 -18.39 6.96
N ILE A 116 -11.54 -18.32 5.80
CA ILE A 116 -12.98 -18.20 5.76
C ILE A 116 -13.67 -19.39 6.42
N ALA A 117 -13.19 -20.59 6.24
CA ALA A 117 -13.77 -21.73 6.94
C ALA A 117 -13.59 -21.57 8.45
N ARG A 118 -12.42 -21.15 8.90
CA ARG A 118 -12.23 -20.89 10.30
C ARG A 118 -13.22 -19.87 10.87
N VAL A 119 -13.36 -18.75 10.22
CA VAL A 119 -14.24 -17.69 10.68
C VAL A 119 -15.65 -18.23 10.85
N ARG A 120 -16.06 -19.12 9.95
CA ARG A 120 -17.42 -19.70 9.93
C ARG A 120 -17.53 -20.98 10.73
N GLY A 121 -16.60 -21.20 11.64
CA GLY A 121 -16.74 -22.27 12.61
C GLY A 121 -16.19 -23.61 12.16
N GLY A 122 -15.50 -23.64 11.00
CA GLY A 122 -14.93 -24.88 10.56
C GLY A 122 -13.61 -25.17 11.20
N THR A 123 -12.97 -26.31 10.85
CA THR A 123 -11.71 -26.73 11.42
C THR A 123 -10.74 -26.93 10.24
N VAL A 124 -9.57 -26.32 10.35
CA VAL A 124 -8.52 -26.51 9.38
C VAL A 124 -7.34 -27.18 10.04
N GLY A 125 -6.66 -28.04 9.30
CA GLY A 125 -5.47 -28.64 9.86
C GLY A 125 -4.72 -29.45 8.81
N ARG A 126 -3.68 -30.16 9.27
CA ARG A 126 -2.93 -30.96 8.32
C ARG A 126 -3.81 -31.98 7.61
N ALA A 127 -3.64 -32.11 6.30
CA ALA A 127 -4.53 -32.90 5.50
C ALA A 127 -4.32 -34.39 5.78
N LYS A 128 -5.43 -35.10 5.85
CA LYS A 128 -5.40 -36.50 6.25
C LYS A 128 -4.60 -37.27 5.21
N LYS A 129 -4.58 -36.82 3.94
CA LYS A 129 -3.97 -37.60 2.89
C LYS A 129 -2.65 -36.99 2.51
N GLY A 130 -2.13 -36.05 3.30
CA GLY A 130 -0.81 -35.51 3.00
C GLY A 130 -0.89 -34.27 2.09
N PRO A 131 0.28 -33.68 1.83
CA PRO A 131 0.41 -32.45 1.08
C PRO A 131 0.33 -32.71 -0.41
N GLU A 132 0.20 -31.62 -1.10
CA GLU A 132 0.20 -31.61 -2.56
C GLU A 132 1.05 -30.48 -3.02
N LEU A 133 1.80 -30.76 -4.09
CA LEU A 133 2.57 -29.77 -4.78
C LEU A 133 2.60 -30.23 -6.24
N LYS A 134 1.58 -29.85 -7.00
CA LYS A 134 1.44 -30.37 -8.34
C LYS A 134 0.35 -29.62 -9.09
N LEU A 135 0.24 -29.93 -10.42
CA LEU A 135 -1.01 -29.72 -11.14
C LEU A 135 -1.91 -30.92 -10.87
N GLY A 136 -3.14 -30.64 -10.47
CA GLY A 136 -4.12 -31.69 -10.30
C GLY A 136 -5.47 -31.27 -10.88
N ASP A 137 -6.43 -32.17 -10.71
CA ASP A 137 -7.77 -31.99 -11.24
C ASP A 137 -8.75 -32.10 -10.10
N ILE A 138 -9.83 -31.32 -10.19
CA ILE A 138 -10.88 -31.36 -9.22
C ILE A 138 -12.19 -31.67 -9.93
N THR A 139 -13.06 -32.42 -9.24
CA THR A 139 -14.33 -32.86 -9.79
C THR A 139 -15.43 -31.89 -9.34
N ILE A 140 -16.19 -31.34 -10.34
CA ILE A 140 -17.21 -30.36 -10.07
C ILE A 140 -18.49 -31.08 -9.58
N VAL A 141 -19.11 -30.58 -8.51
CA VAL A 141 -20.40 -31.10 -8.05
C VAL A 141 -21.47 -30.34 -8.85
N LYS A 142 -21.81 -30.80 -10.02
CA LYS A 142 -22.61 -29.99 -10.95
C LYS A 142 -24.04 -29.78 -10.40
N ASP A 143 -24.52 -30.61 -9.47
CA ASP A 143 -25.85 -30.40 -8.85
C ASP A 143 -25.78 -29.36 -7.75
N ALA A 144 -24.69 -28.57 -7.77
CA ALA A 144 -24.60 -27.41 -6.91
C ALA A 144 -24.43 -26.15 -7.73
N ILE A 145 -24.41 -26.22 -9.06
CA ILE A 145 -24.15 -25.04 -9.84
C ILE A 145 -25.23 -24.77 -10.92
N THR A 146 -25.61 -23.50 -11.01
CA THR A 146 -26.60 -22.99 -11.95
C THR A 146 -25.89 -22.79 -13.30
N PRO A 147 -26.41 -23.36 -14.43
CA PRO A 147 -25.96 -23.01 -15.79
C PRO A 147 -26.15 -21.50 -15.97
N GLY A 148 -25.13 -20.84 -16.52
CA GLY A 148 -25.20 -19.40 -16.76
C GLY A 148 -24.69 -18.56 -15.58
N SER A 149 -24.47 -19.21 -14.40
CA SER A 149 -23.87 -18.53 -13.23
C SER A 149 -22.35 -18.53 -13.38
N TYR A 150 -21.64 -18.38 -12.23
CA TYR A 150 -20.34 -17.79 -12.32
C TYR A 150 -19.45 -18.90 -12.91
N PHE A 151 -19.98 -20.14 -12.98
CA PHE A 151 -19.28 -21.25 -13.61
C PHE A 151 -19.37 -21.40 -15.15
N GLY A 152 -20.14 -20.57 -15.83
CA GLY A 152 -20.29 -20.69 -17.29
C GLY A 152 -21.69 -21.20 -17.67
N ASN A 153 -22.04 -21.12 -18.96
CA ASN A 153 -23.29 -21.75 -19.39
C ASN A 153 -23.19 -23.27 -19.21
N GLU A 154 -22.06 -23.83 -19.66
CA GLU A 154 -21.79 -25.25 -19.62
C GLU A 154 -20.70 -25.49 -18.58
N ILE A 155 -21.06 -26.18 -17.51
CA ILE A 155 -20.15 -26.44 -16.43
C ILE A 155 -19.30 -27.64 -16.81
N PRO A 156 -17.94 -27.62 -16.71
CA PRO A 156 -17.19 -28.83 -17.01
C PRO A 156 -17.31 -29.82 -15.87
N ASP A 157 -16.91 -31.03 -16.18
CA ASP A 157 -16.99 -32.08 -15.19
C ASP A 157 -15.81 -31.95 -14.25
N SER A 158 -14.70 -31.42 -14.77
CA SER A 158 -13.43 -31.42 -14.08
C SER A 158 -12.68 -30.16 -14.46
N ILE A 159 -11.83 -29.64 -13.58
CA ILE A 159 -11.06 -28.44 -13.83
C ILE A 159 -9.65 -28.70 -13.30
N ALA A 160 -8.63 -28.35 -14.08
CA ALA A 160 -7.21 -28.52 -13.71
C ALA A 160 -6.79 -27.26 -12.94
N ILE A 161 -6.12 -27.42 -11.79
CA ILE A 161 -5.65 -26.33 -10.99
C ILE A 161 -4.37 -26.73 -10.28
N ILE A 162 -3.47 -25.76 -10.11
CA ILE A 162 -2.23 -25.96 -9.37
C ILE A 162 -2.57 -26.08 -7.90
N LYS A 163 -2.05 -27.12 -7.27
CA LYS A 163 -2.18 -27.40 -5.85
C LYS A 163 -0.86 -27.24 -5.12
N CYS A 164 -0.87 -26.53 -3.98
N CYS A 164 -0.84 -26.39 -4.09
CA CYS A 164 0.33 -26.26 -3.21
CA CYS A 164 0.28 -26.31 -3.19
C CYS A 164 -0.04 -26.00 -1.75
C CYS A 164 -0.28 -26.02 -1.83
N HIS A 165 -0.30 -27.07 -1.00
CA HIS A 165 -0.82 -26.93 0.34
C HIS A 165 -0.50 -28.19 1.15
N GLN A 166 -0.43 -28.00 2.47
CA GLN A 166 -0.32 -29.12 3.36
C GLN A 166 -1.53 -29.30 4.28
N ASP A 167 -2.43 -28.29 4.32
CA ASP A 167 -3.60 -28.32 5.19
C ASP A 167 -4.85 -28.42 4.34
N GLU A 168 -5.98 -28.66 5.00
CA GLU A 168 -7.25 -28.67 4.33
C GLU A 168 -8.32 -28.34 5.35
N VAL A 169 -9.50 -28.11 4.81
CA VAL A 169 -10.66 -28.00 5.70
C VAL A 169 -11.06 -29.40 6.14
N LEU A 170 -10.84 -29.70 7.41
CA LEU A 170 -11.12 -31.01 8.00
C LEU A 170 -12.57 -31.10 8.44
N VAL A 171 -13.18 -29.98 8.85
CA VAL A 171 -14.60 -29.93 9.16
C VAL A 171 -15.15 -28.69 8.52
N LEU A 172 -16.08 -28.88 7.62
CA LEU A 172 -16.64 -27.83 6.83
C LEU A 172 -17.72 -27.15 7.62
N PRO A 173 -17.86 -25.81 7.61
CA PRO A 173 -19.05 -25.19 8.19
C PRO A 173 -20.32 -25.74 7.60
N GLU A 174 -21.38 -25.79 8.44
CA GLU A 174 -22.69 -26.24 8.00
C GLU A 174 -23.27 -25.31 6.93
N THR A 175 -22.83 -24.04 6.95
CA THR A 175 -23.40 -23.09 5.99
C THR A 175 -22.79 -23.20 4.58
N ALA A 176 -21.77 -24.06 4.42
CA ALA A 176 -21.03 -24.13 3.16
C ALA A 176 -21.62 -25.17 2.22
N LYS A 177 -21.56 -24.89 0.94
CA LYS A 177 -21.93 -25.83 -0.10
C LYS A 177 -20.62 -26.24 -0.81
N VAL A 178 -20.30 -27.54 -0.81
CA VAL A 178 -19.15 -28.06 -1.57
C VAL A 178 -19.41 -28.01 -3.07
N LEU A 179 -18.53 -27.32 -3.82
CA LEU A 179 -18.68 -27.15 -5.24
C LEU A 179 -17.73 -28.05 -6.03
N ALA A 180 -16.72 -28.57 -5.35
CA ALA A 180 -15.78 -29.46 -6.00
C ALA A 180 -15.04 -30.25 -4.97
N TYR A 181 -14.59 -31.43 -5.35
CA TYR A 181 -13.87 -32.35 -4.53
C TYR A 181 -12.81 -33.04 -5.37
N SER A 182 -11.98 -33.78 -4.70
CA SER A 182 -11.02 -34.67 -5.34
C SER A 182 -10.96 -35.95 -4.54
N LYS A 183 -10.28 -36.94 -5.10
CA LYS A 183 -10.23 -38.22 -4.41
C LYS A 183 -9.68 -38.07 -3.02
N ASN A 184 -8.66 -37.21 -2.84
CA ASN A 184 -7.98 -37.13 -1.55
C ASN A 184 -8.38 -35.95 -0.64
N TYR A 185 -9.22 -35.04 -1.14
CA TYR A 185 -9.58 -33.79 -0.44
C TYR A 185 -11.06 -33.54 -0.73
N GLU A 186 -11.85 -33.64 0.33
CA GLU A 186 -13.28 -33.54 0.21
C GLU A 186 -13.68 -32.13 -0.21
N VAL A 187 -12.89 -31.11 0.17
CA VAL A 187 -13.39 -29.76 -0.02
C VAL A 187 -12.40 -29.01 -0.91
N GLU A 188 -12.57 -29.08 -2.23
CA GLU A 188 -11.64 -28.39 -3.10
C GLU A 188 -12.16 -27.01 -3.45
N MET A 189 -13.47 -26.78 -3.42
CA MET A 189 -14.06 -25.48 -3.68
C MET A 189 -15.39 -25.46 -2.90
N TYR A 190 -15.72 -24.33 -2.28
CA TYR A 190 -17.02 -24.23 -1.61
C TYR A 190 -17.48 -22.78 -1.66
N SER A 191 -18.74 -22.55 -1.33
CA SER A 191 -19.35 -21.22 -1.28
C SER A 191 -20.17 -21.18 0.02
N ILE A 192 -20.35 -19.96 0.51
CA ILE A 192 -21.22 -19.67 1.62
C ILE A 192 -22.06 -18.50 1.17
N GLU A 193 -23.40 -18.72 1.25
CA GLU A 193 -24.37 -17.74 0.77
C GLU A 193 -23.94 -17.29 -0.61
N ASP A 194 -24.07 -15.99 -0.90
CA ASP A 194 -23.77 -15.47 -2.22
C ASP A 194 -22.46 -14.72 -2.24
N HIS A 195 -21.83 -14.59 -1.07
CA HIS A 195 -20.77 -13.59 -1.01
C HIS A 195 -19.42 -14.17 -0.57
N LEU A 196 -19.36 -15.47 -0.33
CA LEU A 196 -18.11 -16.14 0.02
C LEU A 196 -17.87 -17.28 -0.97
N PHE A 197 -16.67 -17.33 -1.51
CA PHE A 197 -16.31 -18.30 -2.55
C PHE A 197 -14.85 -18.64 -2.36
N CYS A 198 -14.56 -19.94 -2.20
CA CYS A 198 -13.27 -20.40 -1.72
C CYS A 198 -12.74 -21.52 -2.61
N ILE A 199 -11.43 -21.46 -2.91
CA ILE A 199 -10.76 -22.47 -3.75
C ILE A 199 -9.49 -22.93 -3.03
N GLN A 200 -9.26 -24.24 -2.93
CA GLN A 200 -8.09 -24.75 -2.25
C GLN A 200 -6.79 -24.60 -3.04
N GLY A 201 -6.91 -24.84 -4.32
CA GLY A 201 -5.80 -24.57 -5.24
C GLY A 201 -5.49 -23.08 -5.46
N HIS A 202 -4.49 -22.82 -6.32
CA HIS A 202 -3.99 -21.52 -6.62
C HIS A 202 -4.20 -21.17 -8.10
N PRO A 203 -5.31 -20.56 -8.46
CA PRO A 203 -5.56 -20.14 -9.85
C PRO A 203 -4.58 -19.12 -10.38
N GLU A 204 -3.95 -18.39 -9.43
CA GLU A 204 -3.00 -17.31 -9.74
C GLU A 204 -1.60 -17.88 -9.96
N TYR A 205 -1.36 -19.14 -9.61
CA TYR A 205 -0.05 -19.72 -9.90
C TYR A 205 0.06 -20.16 -11.37
N ASN A 206 1.30 -20.43 -11.79
CA ASN A 206 1.57 -20.90 -13.15
C ASN A 206 2.73 -21.89 -12.99
N LYS A 207 3.13 -22.49 -14.10
CA LYS A 207 4.17 -23.51 -14.00
C LYS A 207 5.48 -22.97 -13.45
N GLU A 208 5.87 -21.75 -13.85
CA GLU A 208 7.11 -21.12 -13.42
C GLU A 208 7.16 -20.95 -11.89
N ILE A 209 6.07 -20.44 -11.33
CA ILE A 209 5.99 -20.25 -9.89
C ILE A 209 6.09 -21.59 -9.18
N LEU A 210 5.34 -22.56 -9.66
CA LEU A 210 5.29 -23.86 -9.04
C LEU A 210 6.70 -24.47 -9.08
N PHE A 211 7.35 -24.42 -10.23
CA PHE A 211 8.60 -25.16 -10.42
C PHE A 211 9.66 -24.52 -9.56
N GLU A 212 9.59 -23.21 -9.41
CA GLU A 212 10.51 -22.54 -8.51
C GLU A 212 10.30 -22.92 -7.03
N ILE A 213 9.05 -23.05 -6.58
CA ILE A 213 8.80 -23.56 -5.23
C ILE A 213 9.37 -24.97 -5.07
N VAL A 214 9.07 -25.85 -6.00
CA VAL A 214 9.54 -27.23 -5.93
C VAL A 214 11.05 -27.28 -5.77
N ASP A 215 11.75 -26.53 -6.62
CA ASP A 215 13.20 -26.51 -6.57
C ASP A 215 13.71 -26.05 -5.21
N ARG A 216 13.07 -25.05 -4.66
CA ARG A 216 13.51 -24.47 -3.41
C ARG A 216 13.22 -25.39 -2.22
N VAL A 217 12.04 -26.02 -2.18
CA VAL A 217 11.77 -26.93 -1.06
C VAL A 217 12.60 -28.19 -1.19
N LEU A 218 12.91 -28.63 -2.40
CA LEU A 218 13.85 -29.73 -2.58
C LEU A 218 15.21 -29.34 -2.01
N ALA A 219 15.68 -28.14 -2.33
CA ALA A 219 17.04 -27.76 -1.91
C ALA A 219 17.13 -27.65 -0.40
N LEU A 220 16.05 -27.26 0.24
CA LEU A 220 15.96 -27.17 1.69
C LEU A 220 15.94 -28.56 2.34
N GLY A 221 15.58 -29.62 1.60
CA GLY A 221 15.52 -30.96 2.16
C GLY A 221 14.16 -31.31 2.70
N TYR A 222 13.16 -30.52 2.33
CA TYR A 222 11.82 -30.76 2.77
C TYR A 222 11.12 -31.89 2.01
N VAL A 223 11.51 -32.16 0.77
CA VAL A 223 10.92 -33.23 -0.02
C VAL A 223 12.05 -34.01 -0.66
N LYS A 224 11.75 -35.25 -1.06
CA LYS A 224 12.70 -36.04 -1.85
C LYS A 224 12.78 -35.61 -3.29
N GLN A 225 13.92 -35.94 -3.90
CA GLN A 225 14.19 -35.65 -5.28
C GLN A 225 13.09 -36.31 -6.13
N GLU A 226 12.69 -37.52 -5.75
CA GLU A 226 11.67 -38.21 -6.56
C GLU A 226 10.28 -37.58 -6.43
N PHE A 227 9.99 -37.00 -5.28
CA PHE A 227 8.73 -36.27 -5.14
C PHE A 227 8.74 -35.00 -6.00
N ALA A 228 9.87 -34.28 -5.97
CA ALA A 228 10.02 -33.05 -6.74
C ALA A 228 9.85 -33.40 -8.21
N ASP A 229 10.45 -34.53 -8.64
CA ASP A 229 10.37 -34.89 -10.06
C ASP A 229 8.96 -35.30 -10.45
N ALA A 230 8.23 -35.95 -9.54
CA ALA A 230 6.85 -36.29 -9.80
C ALA A 230 5.99 -35.02 -9.86
N ALA A 231 6.30 -34.06 -8.98
CA ALA A 231 5.56 -32.80 -8.98
C ALA A 231 5.73 -32.06 -10.32
N LYS A 232 6.94 -31.98 -10.79
CA LYS A 232 7.16 -31.27 -12.05
C LYS A 232 6.59 -32.06 -13.23
N ALA A 233 6.62 -33.37 -13.14
CA ALA A 233 6.14 -34.20 -14.24
C ALA A 233 4.68 -33.86 -14.52
N THR A 234 3.90 -33.45 -13.49
CA THR A 234 2.48 -33.16 -13.72
C THR A 234 2.29 -31.94 -14.61
N MET A 235 3.30 -31.09 -14.86
CA MET A 235 3.11 -29.90 -15.71
C MET A 235 4.05 -29.91 -16.92
N GLU A 236 4.67 -31.03 -17.18
CA GLU A 236 5.55 -31.15 -18.35
C GLU A 236 4.75 -30.98 -19.65
N ASN A 237 3.53 -31.48 -19.70
CA ASN A 237 2.79 -31.49 -20.95
C ASN A 237 1.36 -30.93 -20.84
N ARG A 238 1.05 -30.24 -19.76
CA ARG A 238 -0.29 -29.71 -19.53
C ARG A 238 -0.18 -28.58 -18.53
N GLY A 239 -1.09 -27.65 -18.64
CA GLY A 239 -1.16 -26.55 -17.68
C GLY A 239 -2.51 -26.56 -16.96
N ALA A 240 -2.72 -25.61 -16.00
CA ALA A 240 -4.03 -25.44 -15.38
C ALA A 240 -5.01 -24.86 -16.40
N ASP A 241 -6.29 -24.89 -16.06
CA ASP A 241 -7.33 -24.22 -16.85
C ASP A 241 -7.43 -22.73 -16.48
N ARG A 242 -6.40 -21.95 -16.81
CA ARG A 242 -6.27 -20.62 -16.26
C ARG A 242 -7.37 -19.68 -16.74
N LYS A 243 -7.70 -19.77 -18.03
CA LYS A 243 -8.72 -18.88 -18.57
C LYS A 243 -10.02 -19.13 -17.88
N LEU A 244 -10.30 -20.43 -17.65
CA LEU A 244 -11.53 -20.84 -17.00
C LEU A 244 -11.57 -20.31 -15.56
N TRP A 245 -10.44 -20.44 -14.88
CA TRP A 245 -10.41 -19.88 -13.53
C TRP A 245 -10.58 -18.39 -13.50
N GLU A 246 -9.92 -17.67 -14.38
CA GLU A 246 -10.14 -16.23 -14.41
C GLU A 246 -11.62 -15.86 -14.57
N THR A 247 -12.32 -16.53 -15.50
CA THR A 247 -13.72 -16.27 -15.78
C THR A 247 -14.52 -16.57 -14.52
N ILE A 248 -14.30 -17.72 -13.87
CA ILE A 248 -15.09 -18.10 -12.72
C ILE A 248 -14.92 -17.07 -11.62
N CYS A 249 -13.66 -16.80 -11.28
CA CYS A 249 -13.34 -15.95 -10.14
C CYS A 249 -13.77 -14.50 -10.34
N LYS A 250 -13.55 -13.99 -11.55
CA LYS A 250 -14.05 -12.65 -11.87
C LYS A 250 -15.58 -12.58 -11.88
N ASN A 251 -16.23 -13.62 -12.40
CA ASN A 251 -17.68 -13.63 -12.39
C ASN A 251 -18.19 -13.48 -10.96
N PHE A 252 -17.67 -14.35 -10.07
CA PHE A 252 -17.96 -14.25 -8.66
C PHE A 252 -17.64 -12.88 -8.08
N LEU A 253 -16.38 -12.45 -8.19
CA LEU A 253 -15.91 -11.31 -7.43
C LEU A 253 -16.61 -10.03 -7.89
N LYS A 254 -16.93 -9.93 -9.16
CA LYS A 254 -17.47 -8.68 -9.68
C LYS A 254 -18.97 -8.78 -9.99
N GLY A 255 -19.61 -9.85 -9.58
CA GLY A 255 -21.05 -9.97 -9.78
C GLY A 255 -21.41 -9.95 -11.25
N ARG A 256 -20.60 -10.61 -12.10
CA ARG A 256 -20.83 -10.58 -13.55
C ARG A 256 -21.87 -11.61 -14.01
N VAL A 257 -21.98 -12.79 -13.38
CA VAL A 257 -23.04 -13.74 -13.75
C VAL A 257 -23.12 -13.89 -15.28
N GLU B 13 -12.01 7.75 -15.14
CA GLU B 13 -10.61 7.76 -14.67
C GLU B 13 -10.46 8.89 -13.64
N GLN B 14 -10.52 8.53 -12.35
CA GLN B 14 -10.28 9.46 -11.28
C GLN B 14 -8.79 9.80 -11.18
N LYS B 15 -8.49 10.92 -10.54
CA LYS B 15 -7.11 11.33 -10.36
C LYS B 15 -6.45 10.40 -9.34
N ARG B 16 -5.16 10.16 -9.55
CA ARG B 16 -4.40 9.24 -8.75
C ARG B 16 -3.12 9.94 -8.30
N TYR B 17 -2.80 9.78 -7.03
CA TYR B 17 -1.65 10.41 -6.38
C TYR B 17 -0.86 9.31 -5.68
N ALA B 18 0.46 9.45 -5.68
CA ALA B 18 1.34 8.56 -4.95
C ALA B 18 1.97 9.32 -3.82
N LEU B 19 1.92 8.73 -2.64
CA LEU B 19 2.52 9.27 -1.44
C LEU B 19 3.72 8.43 -1.10
N PHE B 20 4.87 9.09 -1.01
CA PHE B 20 6.10 8.43 -0.64
C PHE B 20 6.34 8.72 0.85
N LEU B 21 6.08 7.70 1.69
CA LEU B 21 6.26 7.80 3.10
C LEU B 21 7.69 7.46 3.45
N ALA B 22 8.41 8.53 3.75
CA ALA B 22 9.79 8.39 4.16
C ALA B 22 9.95 8.25 5.68
N THR B 23 8.84 8.09 6.39
CA THR B 23 8.81 7.92 7.82
C THR B 23 7.88 6.74 8.10
N LEU B 24 8.24 5.99 9.16
CA LEU B 24 7.33 5.01 9.76
C LEU B 24 6.28 5.75 10.56
N ASP B 25 5.19 5.07 10.92
CA ASP B 25 4.16 5.67 11.71
C ASP B 25 4.56 5.68 13.18
N SER B 26 4.50 6.82 13.83
CA SER B 26 4.75 6.97 15.26
C SER B 26 3.56 6.37 16.01
N GLU B 27 3.80 5.97 17.27
CA GLU B 27 2.74 5.44 18.09
C GLU B 27 1.58 6.41 18.16
N PHE B 28 1.89 7.71 18.34
CA PHE B 28 0.86 8.70 18.45
C PHE B 28 0.05 8.79 17.15
N VAL B 29 0.73 8.90 16.01
CA VAL B 29 0.01 9.08 14.75
C VAL B 29 -0.80 7.82 14.41
N LYS B 30 -0.24 6.64 14.70
CA LYS B 30 -0.98 5.38 14.48
C LYS B 30 -2.27 5.32 15.30
N LYS B 31 -2.13 5.63 16.58
CA LYS B 31 -3.27 5.54 17.47
C LYS B 31 -4.33 6.59 17.14
N THR B 32 -3.89 7.82 16.82
CA THR B 32 -4.81 8.91 16.74
C THR B 32 -5.47 8.99 15.37
N TYR B 33 -4.71 8.75 14.32
CA TYR B 33 -5.18 9.01 12.98
C TYR B 33 -5.22 7.77 12.12
N GLY B 34 -4.57 6.68 12.58
CA GLY B 34 -4.43 5.46 11.82
C GLY B 34 -3.15 5.38 10.99
N GLY B 35 -2.29 6.39 11.07
CA GLY B 35 -1.00 6.41 10.39
C GLY B 35 -0.82 7.64 9.51
N TYR B 36 0.39 7.74 8.93
CA TYR B 36 0.69 8.91 8.11
C TYR B 36 0.07 8.90 6.73
N HIS B 37 -0.30 7.72 6.22
CA HIS B 37 -1.12 7.70 5.02
C HIS B 37 -2.35 8.54 5.26
N ASN B 38 -3.07 8.21 6.31
CA ASN B 38 -4.30 8.95 6.65
C ASN B 38 -4.06 10.44 6.92
N VAL B 39 -2.96 10.75 7.57
CA VAL B 39 -2.65 12.15 7.86
C VAL B 39 -2.50 12.90 6.53
N PHE B 40 -1.68 12.36 5.62
CA PHE B 40 -1.46 13.05 4.35
C PHE B 40 -2.74 13.14 3.51
N VAL B 41 -3.50 12.04 3.42
CA VAL B 41 -4.72 12.09 2.62
C VAL B 41 -5.71 13.07 3.25
N THR B 42 -5.79 13.11 4.57
CA THR B 42 -6.68 14.08 5.20
C THR B 42 -6.24 15.50 4.82
N THR B 43 -4.92 15.74 4.81
CA THR B 43 -4.42 17.07 4.51
C THR B 43 -4.61 17.46 3.04
N PHE B 44 -4.13 16.61 2.10
CA PHE B 44 -3.99 16.99 0.73
C PHE B 44 -5.05 16.38 -0.16
N GLY B 45 -5.87 15.49 0.40
CA GLY B 45 -6.77 14.76 -0.49
C GLY B 45 -8.12 15.44 -0.61
N ASP B 46 -8.83 15.11 -1.70
CA ASP B 46 -10.22 15.51 -1.93
C ASP B 46 -11.03 14.26 -2.29
N GLU B 47 -12.35 14.37 -2.31
CA GLU B 47 -13.30 13.39 -2.86
C GLU B 47 -12.89 12.84 -4.21
N GLY B 48 -13.01 11.52 -4.39
CA GLY B 48 -12.90 11.05 -5.76
C GLY B 48 -11.49 10.92 -6.30
N GLU B 49 -10.52 10.67 -5.39
CA GLU B 49 -9.14 10.54 -5.78
C GLU B 49 -8.66 9.18 -5.31
N HIS B 50 -7.68 8.59 -5.99
CA HIS B 50 -7.14 7.33 -5.49
C HIS B 50 -5.72 7.61 -4.99
N TRP B 51 -5.42 7.44 -3.71
CA TRP B 51 -4.09 7.64 -3.18
C TRP B 51 -3.41 6.33 -2.89
N ASP B 52 -2.25 6.11 -3.48
CA ASP B 52 -1.47 4.95 -3.15
C ASP B 52 -0.25 5.42 -2.35
N SER B 53 0.07 4.74 -1.28
CA SER B 53 1.24 5.14 -0.52
C SER B 53 2.25 4.03 -0.59
N PHE B 54 3.52 4.46 -0.53
CA PHE B 54 4.65 3.58 -0.61
C PHE B 54 5.59 3.87 0.52
N ARG B 55 5.87 2.90 1.36
CA ARG B 55 6.79 3.14 2.47
C ARG B 55 8.22 3.07 2.01
N VAL B 56 8.67 4.15 1.41
CA VAL B 56 9.99 4.18 0.82
C VAL B 56 11.08 4.04 1.87
N VAL B 57 10.85 4.46 3.12
CA VAL B 57 11.84 4.24 4.18
C VAL B 57 12.11 2.74 4.41
N SER B 58 11.14 1.91 4.05
CA SER B 58 11.27 0.49 4.22
C SER B 58 11.55 -0.18 2.89
N GLY B 59 11.93 0.61 1.86
CA GLY B 59 12.37 0.06 0.60
C GLY B 59 11.24 -0.33 -0.32
N GLU B 60 10.03 0.17 -0.05
CA GLU B 60 8.86 -0.12 -0.86
C GLU B 60 8.62 1.05 -1.80
N PHE B 61 8.69 0.77 -3.11
CA PHE B 61 8.61 1.79 -4.13
C PHE B 61 7.59 1.37 -5.18
N PRO B 62 7.03 2.32 -5.94
CA PRO B 62 6.20 1.95 -7.09
C PRO B 62 7.03 1.38 -8.21
N ASP B 63 6.42 0.50 -9.00
CA ASP B 63 7.02 0.01 -10.23
C ASP B 63 7.31 1.23 -11.10
N GLU B 64 8.47 1.27 -11.73
CA GLU B 64 8.80 2.27 -12.73
C GLU B 64 7.74 2.43 -13.83
N LYS B 65 7.22 1.33 -14.35
CA LYS B 65 6.20 1.44 -15.38
C LYS B 65 4.92 2.06 -14.85
N ASP B 66 4.72 2.11 -13.54
CA ASP B 66 3.50 2.72 -13.01
C ASP B 66 3.64 4.21 -12.75
N LEU B 67 4.84 4.78 -12.86
CA LEU B 67 4.96 6.21 -12.58
C LEU B 67 4.03 7.06 -13.47
N GLU B 68 3.85 6.66 -14.74
CA GLU B 68 3.13 7.47 -15.70
C GLU B 68 1.66 7.60 -15.33
N LYS B 69 1.14 6.64 -14.57
CA LYS B 69 -0.25 6.63 -14.14
C LYS B 69 -0.64 7.68 -13.10
N TYR B 70 0.32 8.26 -12.37
CA TYR B 70 0.00 9.13 -11.27
C TYR B 70 -0.13 10.56 -11.80
N ASP B 71 -1.05 11.31 -11.25
CA ASP B 71 -1.24 12.72 -11.56
C ASP B 71 -0.30 13.59 -10.74
N GLY B 72 0.28 13.05 -9.69
CA GLY B 72 1.17 13.79 -8.80
C GLY B 72 1.72 12.89 -7.71
N PHE B 73 2.75 13.40 -7.03
CA PHE B 73 3.50 12.69 -6.00
C PHE B 73 3.68 13.64 -4.84
N VAL B 74 3.68 13.04 -3.65
CA VAL B 74 4.00 13.76 -2.42
C VAL B 74 5.09 12.98 -1.70
N ILE B 75 6.14 13.69 -1.25
CA ILE B 75 7.19 13.07 -0.49
C ILE B 75 7.07 13.60 0.93
N SER B 76 6.93 12.70 1.90
CA SER B 76 6.77 13.07 3.32
C SER B 76 8.08 13.51 3.98
N GLY B 77 7.98 13.91 5.26
CA GLY B 77 9.09 14.09 6.14
C GLY B 77 9.68 12.73 6.55
N SER B 78 10.81 12.81 7.24
CA SER B 78 11.52 11.65 7.71
C SER B 78 12.36 12.07 8.93
N SER B 79 12.68 11.12 9.80
CA SER B 79 13.71 11.35 10.81
C SER B 79 15.10 11.10 10.23
N HIS B 80 15.20 10.53 9.04
CA HIS B 80 16.48 10.31 8.40
C HIS B 80 17.03 11.57 7.69
N ASP B 81 18.31 11.55 7.40
CA ASP B 81 18.97 12.69 6.81
C ASP B 81 18.94 12.52 5.29
N ALA B 82 18.49 13.56 4.60
CA ALA B 82 18.40 13.55 3.13
C ALA B 82 19.74 13.52 2.44
N PHE B 83 20.82 13.86 3.17
CA PHE B 83 22.16 13.80 2.60
C PHE B 83 22.84 12.44 2.81
N GLU B 84 22.18 11.48 3.47
CA GLU B 84 22.73 10.15 3.75
C GLU B 84 22.59 9.23 2.54
N ASN B 85 23.32 8.09 2.57
CA ASN B 85 23.40 7.26 1.39
C ASN B 85 22.86 5.85 1.59
N ASP B 86 21.90 5.71 2.47
CA ASP B 86 21.17 4.47 2.63
C ASP B 86 20.60 4.05 1.28
N ASP B 87 20.59 2.74 1.04
CA ASP B 87 20.08 2.24 -0.24
C ASP B 87 18.73 2.83 -0.58
N TRP B 88 17.80 2.86 0.35
CA TRP B 88 16.48 3.35 0.01
C TRP B 88 16.54 4.85 -0.34
N ILE B 89 17.43 5.62 0.26
CA ILE B 89 17.56 7.02 -0.08
C ILE B 89 18.10 7.17 -1.48
N LEU B 90 19.06 6.34 -1.83
CA LEU B 90 19.62 6.44 -3.17
C LEU B 90 18.56 6.02 -4.18
N LYS B 91 17.76 5.01 -3.89
CA LYS B 91 16.68 4.63 -4.78
C LYS B 91 15.56 5.68 -4.88
N LEU B 92 15.28 6.35 -3.79
CA LEU B 92 14.32 7.47 -3.77
C LEU B 92 14.84 8.58 -4.73
N CYS B 93 16.08 9.03 -4.53
CA CYS B 93 16.71 10.01 -5.39
C CYS B 93 16.61 9.58 -6.85
N ASP B 94 16.91 8.30 -7.17
CA ASP B 94 16.83 7.84 -8.56
C ASP B 94 15.42 7.94 -9.10
N ILE B 95 14.41 7.52 -8.30
CA ILE B 95 13.04 7.54 -8.81
C ILE B 95 12.51 9.00 -8.91
N VAL B 96 12.93 9.87 -7.98
CA VAL B 96 12.57 11.27 -8.05
C VAL B 96 13.18 11.91 -9.30
N LYS B 97 14.37 11.51 -9.65
CA LYS B 97 15.00 11.97 -10.89
C LYS B 97 14.15 11.56 -12.10
N LYS B 98 13.67 10.33 -12.13
CA LYS B 98 12.84 9.90 -13.22
C LYS B 98 11.54 10.70 -13.30
N ILE B 99 10.88 10.87 -12.14
CA ILE B 99 9.63 11.60 -12.10
C ILE B 99 9.84 13.03 -12.58
N ASP B 100 10.93 13.64 -12.12
CA ASP B 100 11.26 15.01 -12.49
C ASP B 100 11.45 15.09 -14.01
N GLU B 101 12.17 14.12 -14.58
CA GLU B 101 12.38 14.07 -16.03
C GLU B 101 11.07 13.92 -16.79
N MET B 102 10.03 13.27 -16.23
CA MET B 102 8.71 13.14 -16.85
C MET B 102 7.89 14.41 -16.65
N LYS B 103 8.37 15.40 -15.86
CA LYS B 103 7.66 16.62 -15.54
C LYS B 103 6.35 16.36 -14.82
N LYS B 104 6.32 15.34 -13.98
CA LYS B 104 5.15 15.13 -13.14
C LYS B 104 5.34 15.95 -11.86
N LYS B 105 4.21 16.37 -11.30
CA LYS B 105 4.21 17.16 -10.08
C LYS B 105 4.65 16.34 -8.89
N ILE B 106 5.58 16.95 -8.13
CA ILE B 106 6.01 16.47 -6.84
C ILE B 106 5.88 17.60 -5.81
N LEU B 107 5.21 17.32 -4.69
CA LEU B 107 5.13 18.18 -3.54
C LEU B 107 6.09 17.59 -2.53
N GLY B 108 7.13 18.33 -2.18
CA GLY B 108 8.08 17.82 -1.22
C GLY B 108 7.96 18.50 0.13
N ILE B 109 7.77 17.70 1.20
CA ILE B 109 7.61 18.27 2.54
C ILE B 109 8.83 17.90 3.38
N CYS B 110 9.49 18.91 3.90
CA CYS B 110 10.60 18.78 4.85
C CYS B 110 11.71 17.88 4.31
N PHE B 111 11.83 16.63 4.73
CA PHE B 111 12.73 15.70 4.03
C PHE B 111 12.52 15.64 2.51
N GLY B 112 11.25 15.73 2.06
CA GLY B 112 10.92 15.71 0.63
C GLY B 112 11.50 16.92 -0.08
N HIS B 113 11.40 18.11 0.57
CA HIS B 113 11.98 19.37 0.14
C HIS B 113 13.47 19.19 -0.04
N GLN B 114 14.08 18.53 0.94
CA GLN B 114 15.54 18.31 0.90
C GLN B 114 15.99 17.33 -0.18
N ILE B 115 15.25 16.23 -0.38
CA ILE B 115 15.56 15.21 -1.39
C ILE B 115 15.50 15.82 -2.78
N ILE B 116 14.43 16.58 -3.05
CA ILE B 116 14.29 17.27 -4.31
C ILE B 116 15.46 18.21 -4.50
N ALA B 117 15.90 18.92 -3.45
CA ALA B 117 17.05 19.81 -3.61
C ALA B 117 18.30 19.00 -3.96
N ARG B 118 18.49 17.86 -3.30
CA ARG B 118 19.62 16.97 -3.62
C ARG B 118 19.61 16.48 -5.07
N VAL B 119 18.44 16.00 -5.51
CA VAL B 119 18.31 15.52 -6.87
C VAL B 119 18.66 16.62 -7.88
N ARG B 120 18.25 17.88 -7.63
CA ARG B 120 18.55 18.98 -8.50
C ARG B 120 19.88 19.66 -8.18
N GLY B 121 20.81 18.99 -7.49
CA GLY B 121 22.20 19.44 -7.43
C GLY B 121 22.53 20.36 -6.27
N GLY B 122 21.57 20.59 -5.34
CA GLY B 122 21.80 21.37 -4.16
C GLY B 122 22.46 20.54 -3.08
N THR B 123 22.77 21.19 -1.97
CA THR B 123 23.39 20.57 -0.83
C THR B 123 22.51 20.74 0.40
N VAL B 124 22.31 19.64 1.11
CA VAL B 124 21.51 19.64 2.32
C VAL B 124 22.43 19.23 3.46
N GLY B 125 22.25 19.88 4.61
CA GLY B 125 23.00 19.50 5.79
C GLY B 125 22.41 20.12 7.03
N ARG B 126 23.13 19.97 8.13
CA ARG B 126 22.64 20.48 9.39
C ARG B 126 22.52 22.00 9.29
N ALA B 127 21.41 22.50 9.80
CA ALA B 127 21.13 23.91 9.69
C ALA B 127 22.15 24.77 10.43
N LYS B 128 22.53 25.85 9.74
CA LYS B 128 23.53 26.77 10.28
C LYS B 128 23.05 27.32 11.63
N LYS B 129 21.77 27.68 11.75
CA LYS B 129 21.30 28.28 12.97
C LYS B 129 20.65 27.25 13.90
N GLY B 130 20.81 25.96 13.64
CA GLY B 130 20.34 24.96 14.57
C GLY B 130 18.92 24.52 14.26
N PRO B 131 18.40 23.55 15.05
CA PRO B 131 17.14 22.86 14.80
C PRO B 131 15.97 23.75 15.20
N GLU B 132 14.81 23.39 14.66
CA GLU B 132 13.56 24.04 14.99
C GLU B 132 12.53 22.98 15.32
N LEU B 133 11.75 23.29 16.33
CA LEU B 133 10.64 22.48 16.78
C LEU B 133 9.62 23.44 17.40
N LYS B 134 8.74 23.97 16.54
CA LYS B 134 7.87 25.02 17.04
C LYS B 134 6.92 25.41 15.94
N LEU B 135 5.92 26.22 16.29
CA LEU B 135 5.16 26.99 15.30
C LEU B 135 6.00 28.21 14.95
N GLY B 136 6.28 28.42 13.66
CA GLY B 136 6.99 29.58 13.20
C GLY B 136 6.30 30.24 12.02
N ASP B 137 6.91 31.33 11.58
CA ASP B 137 6.37 32.12 10.48
C ASP B 137 7.42 32.22 9.38
N ILE B 138 6.97 32.17 8.13
CA ILE B 138 7.88 32.39 7.00
C ILE B 138 7.41 33.60 6.19
N THR B 139 8.37 34.29 5.60
CA THR B 139 8.14 35.50 4.85
C THR B 139 8.10 35.17 3.38
N ILE B 140 7.03 35.63 2.73
CA ILE B 140 6.79 35.30 1.35
C ILE B 140 7.62 36.22 0.44
N VAL B 141 8.24 35.67 -0.61
CA VAL B 141 8.91 36.52 -1.59
C VAL B 141 7.85 36.96 -2.59
N LYS B 142 7.08 37.99 -2.29
CA LYS B 142 5.91 38.28 -3.10
C LYS B 142 6.26 38.63 -4.56
N ASP B 143 7.39 39.24 -4.81
CA ASP B 143 7.78 39.47 -6.19
C ASP B 143 7.95 38.18 -7.02
N ALA B 144 8.08 37.00 -6.40
CA ALA B 144 8.29 35.76 -7.15
C ALA B 144 6.94 35.09 -7.37
N ILE B 145 5.85 35.68 -6.88
CA ILE B 145 4.58 35.02 -6.94
C ILE B 145 3.58 35.79 -7.79
N THR B 146 2.90 35.06 -8.67
CA THR B 146 1.82 35.66 -9.46
C THR B 146 0.48 35.65 -8.74
N PRO B 147 -0.26 36.78 -8.70
CA PRO B 147 -1.63 36.74 -8.18
C PRO B 147 -2.49 35.78 -9.01
N GLY B 148 -3.38 35.07 -8.34
CA GLY B 148 -4.30 34.10 -8.90
C GLY B 148 -3.68 32.69 -9.06
N SER B 149 -2.40 32.54 -8.75
CA SER B 149 -1.78 31.22 -8.69
C SER B 149 -1.97 30.59 -7.31
N TYR B 150 -0.98 29.78 -6.86
CA TYR B 150 -1.25 28.90 -5.73
C TYR B 150 -1.62 29.63 -4.45
N PHE B 151 -1.17 30.88 -4.26
CA PHE B 151 -1.30 31.60 -3.01
C PHE B 151 -2.51 32.51 -3.04
N GLY B 152 -3.30 32.41 -4.08
CA GLY B 152 -4.50 33.25 -4.14
C GLY B 152 -4.26 34.56 -4.86
N ASN B 153 -5.37 35.34 -4.89
CA ASN B 153 -5.41 36.62 -5.53
C ASN B 153 -4.63 37.65 -4.73
N GLU B 154 -4.68 37.54 -3.39
CA GLU B 154 -4.01 38.47 -2.50
C GLU B 154 -2.91 37.71 -1.81
N ILE B 155 -1.70 37.88 -2.28
CA ILE B 155 -0.59 37.08 -1.79
C ILE B 155 -0.28 37.48 -0.35
N PRO B 156 -0.23 36.57 0.64
CA PRO B 156 0.10 37.03 1.99
C PRO B 156 1.56 37.44 2.14
N ASP B 157 1.82 38.23 3.16
CA ASP B 157 3.18 38.66 3.49
C ASP B 157 3.96 37.54 4.19
N SER B 158 3.24 36.76 5.00
CA SER B 158 3.80 35.79 5.90
C SER B 158 2.81 34.64 6.11
N ILE B 159 3.32 33.43 6.38
CA ILE B 159 2.39 32.34 6.69
C ILE B 159 2.94 31.64 7.91
N ALA B 160 2.06 31.16 8.77
CA ALA B 160 2.45 30.37 9.92
C ALA B 160 2.48 28.88 9.59
N ILE B 161 3.57 28.19 9.99
CA ILE B 161 3.73 26.76 9.70
C ILE B 161 4.54 26.11 10.80
N ILE B 162 4.19 24.89 11.14
CA ILE B 162 4.92 24.09 12.11
C ILE B 162 6.23 23.63 11.49
N LYS B 163 7.27 23.90 12.25
CA LYS B 163 8.63 23.57 11.91
C LYS B 163 9.15 22.46 12.79
N CYS B 164 9.74 21.44 12.18
CA CYS B 164 10.27 20.30 12.91
C CYS B 164 11.41 19.71 12.08
N HIS B 165 12.63 20.21 12.27
CA HIS B 165 13.74 19.78 11.41
C HIS B 165 15.06 20.18 12.02
N GLN B 166 16.13 19.45 11.66
CA GLN B 166 17.45 19.96 12.06
C GLN B 166 18.33 20.28 10.86
N ASP B 167 17.88 19.92 9.64
CA ASP B 167 18.64 20.17 8.43
C ASP B 167 18.00 21.27 7.57
N GLU B 168 18.75 21.72 6.58
CA GLU B 168 18.21 22.67 5.63
C GLU B 168 18.97 22.51 4.31
N VAL B 169 18.40 23.18 3.34
CA VAL B 169 19.09 23.39 2.09
C VAL B 169 20.14 24.47 2.29
N LEU B 170 21.42 24.05 2.26
CA LEU B 170 22.55 24.92 2.53
C LEU B 170 23.07 25.53 1.23
N VAL B 171 22.88 24.85 0.09
CA VAL B 171 23.22 25.41 -1.20
C VAL B 171 22.06 25.13 -2.12
N LEU B 172 21.43 26.21 -2.57
CA LEU B 172 20.23 26.10 -3.37
C LEU B 172 20.57 25.41 -4.68
N PRO B 173 19.70 24.56 -5.22
CA PRO B 173 19.82 24.16 -6.61
C PRO B 173 19.91 25.37 -7.53
N GLU B 174 20.66 25.22 -8.60
CA GLU B 174 20.86 26.29 -9.58
C GLU B 174 19.53 26.63 -10.24
N THR B 175 18.52 25.72 -10.26
CA THR B 175 17.28 26.02 -10.93
C THR B 175 16.13 26.35 -9.96
N ALA B 176 16.40 26.46 -8.67
CA ALA B 176 15.35 26.73 -7.71
C ALA B 176 15.03 28.20 -7.59
N LYS B 177 13.74 28.42 -7.50
CA LYS B 177 13.10 29.70 -7.25
C LYS B 177 12.59 29.76 -5.81
N VAL B 178 13.23 30.59 -5.02
CA VAL B 178 12.87 30.75 -3.62
C VAL B 178 11.55 31.53 -3.52
N LEU B 179 10.55 30.96 -2.80
CA LEU B 179 9.23 31.52 -2.62
C LEU B 179 9.04 32.03 -1.19
N ALA B 180 9.86 31.58 -0.23
CA ALA B 180 9.76 32.08 1.14
C ALA B 180 11.06 31.87 1.89
N TYR B 181 11.28 32.67 2.91
CA TYR B 181 12.47 32.57 3.71
C TYR B 181 12.06 32.95 5.15
N SER B 182 13.00 32.75 6.06
CA SER B 182 12.88 33.24 7.41
C SER B 182 14.22 33.77 7.85
N LYS B 183 14.19 34.42 9.01
CA LYS B 183 15.40 35.09 9.44
C LYS B 183 16.55 34.09 9.46
N ASN B 184 16.29 32.89 9.98
CA ASN B 184 17.35 31.91 10.22
C ASN B 184 17.52 30.84 9.12
N TYR B 185 16.60 30.79 8.12
CA TYR B 185 16.67 29.76 7.07
C TYR B 185 16.35 30.44 5.76
N GLU B 186 17.32 30.48 4.84
CA GLU B 186 17.10 31.18 3.58
C GLU B 186 16.04 30.52 2.68
N VAL B 187 15.86 29.22 2.80
CA VAL B 187 15.04 28.44 1.88
C VAL B 187 13.89 27.78 2.65
N GLU B 188 12.79 28.52 2.89
CA GLU B 188 11.66 27.90 3.57
C GLU B 188 10.69 27.25 2.59
N MET B 189 10.64 27.76 1.36
CA MET B 189 9.77 27.21 0.32
C MET B 189 10.45 27.54 -1.01
N TYR B 190 10.35 26.63 -1.97
CA TYR B 190 10.92 26.93 -3.27
C TYR B 190 10.20 26.10 -4.29
N SER B 191 10.31 26.55 -5.55
CA SER B 191 9.75 25.80 -6.68
C SER B 191 10.87 25.59 -7.70
N ILE B 192 10.74 24.51 -8.47
CA ILE B 192 11.57 24.31 -9.66
C ILE B 192 10.68 24.09 -10.87
N GLU B 193 10.88 24.90 -11.92
CA GLU B 193 10.04 24.82 -13.11
C GLU B 193 8.62 24.90 -12.61
N ASP B 194 7.73 24.16 -13.25
CA ASP B 194 6.32 24.24 -12.94
C ASP B 194 5.85 22.96 -12.26
N HIS B 195 6.75 22.04 -11.93
CA HIS B 195 6.31 20.76 -11.46
C HIS B 195 6.92 20.30 -10.13
N LEU B 196 7.83 21.08 -9.54
CA LEU B 196 8.39 20.77 -8.25
C LEU B 196 8.06 21.91 -7.29
N PHE B 197 7.54 21.55 -6.11
CA PHE B 197 7.18 22.57 -5.13
C PHE B 197 7.50 22.02 -3.77
N CYS B 198 8.20 22.80 -2.97
CA CYS B 198 8.85 22.25 -1.78
C CYS B 198 8.71 23.22 -0.61
N ILE B 199 8.39 22.62 0.54
CA ILE B 199 8.15 23.36 1.76
C ILE B 199 9.00 22.75 2.89
N GLN B 200 9.74 23.59 3.65
CA GLN B 200 10.57 23.06 4.70
C GLN B 200 9.77 22.65 5.95
N GLY B 201 8.73 23.40 6.29
CA GLY B 201 7.85 23.03 7.40
C GLY B 201 6.85 21.91 7.05
N HIS B 202 6.00 21.59 8.00
CA HIS B 202 5.10 20.48 7.90
C HIS B 202 3.66 20.99 7.93
N PRO B 203 3.04 21.23 6.77
CA PRO B 203 1.63 21.67 6.74
C PRO B 203 0.67 20.61 7.21
N GLU B 204 1.14 19.35 7.20
CA GLU B 204 0.29 18.25 7.64
C GLU B 204 0.34 18.00 9.15
N TYR B 205 1.28 18.63 9.84
CA TYR B 205 1.34 18.59 11.29
C TYR B 205 0.24 19.48 11.89
N ASN B 206 0.00 19.22 13.18
CA ASN B 206 -0.86 20.02 14.03
C ASN B 206 -0.29 20.04 15.43
N LYS B 207 -0.97 20.76 16.30
CA LYS B 207 -0.40 20.96 17.62
C LYS B 207 -0.21 19.65 18.37
N GLU B 208 -1.17 18.72 18.25
CA GLU B 208 -1.10 17.49 19.01
C GLU B 208 0.11 16.65 18.56
N ILE B 209 0.32 16.57 17.25
CA ILE B 209 1.44 15.81 16.73
C ILE B 209 2.74 16.46 17.21
N LEU B 210 2.83 17.79 17.08
CA LEU B 210 4.04 18.49 17.49
C LEU B 210 4.34 18.28 18.98
N PHE B 211 3.35 18.47 19.84
CA PHE B 211 3.52 18.39 21.28
C PHE B 211 3.94 16.96 21.67
N GLU B 212 3.41 15.95 20.99
CA GLU B 212 3.81 14.59 21.26
C GLU B 212 5.27 14.38 20.91
N ILE B 213 5.73 14.91 19.79
CA ILE B 213 7.15 14.83 19.44
C ILE B 213 8.02 15.53 20.48
N VAL B 214 7.63 16.75 20.88
CA VAL B 214 8.36 17.52 21.89
C VAL B 214 8.51 16.69 23.14
N ASP B 215 7.41 16.14 23.62
CA ASP B 215 7.42 15.36 24.86
C ASP B 215 8.39 14.17 24.75
N ARG B 216 8.38 13.47 23.64
CA ARG B 216 9.16 12.27 23.44
C ARG B 216 10.64 12.62 23.32
N VAL B 217 10.99 13.66 22.55
CA VAL B 217 12.41 13.98 22.43
C VAL B 217 12.94 14.54 23.74
N LEU B 218 12.10 15.24 24.51
CA LEU B 218 12.52 15.67 25.83
C LEU B 218 12.80 14.44 26.71
N ALA B 219 11.91 13.46 26.69
CA ALA B 219 12.05 12.28 27.55
C ALA B 219 13.30 11.46 27.18
N LEU B 220 13.69 11.50 25.92
CA LEU B 220 14.90 10.84 25.50
C LEU B 220 16.15 11.56 25.96
N GLY B 221 16.03 12.83 26.29
CA GLY B 221 17.17 13.64 26.66
C GLY B 221 17.83 14.32 25.48
N TYR B 222 17.12 14.42 24.38
CA TYR B 222 17.64 15.10 23.19
C TYR B 222 17.59 16.64 23.25
N VAL B 223 16.70 17.18 24.03
CA VAL B 223 16.50 18.61 24.22
C VAL B 223 16.27 18.90 25.69
N LYS B 224 16.60 20.13 26.08
CA LYS B 224 16.41 20.64 27.43
C LYS B 224 14.95 20.96 27.68
N GLN B 225 14.54 20.79 28.93
CA GLN B 225 13.19 21.13 29.37
C GLN B 225 12.78 22.53 28.89
N GLU B 226 13.72 23.47 28.96
CA GLU B 226 13.41 24.84 28.57
C GLU B 226 13.18 24.98 27.07
N PHE B 227 13.89 24.19 26.26
CA PHE B 227 13.68 24.19 24.81
C PHE B 227 12.29 23.61 24.53
N ALA B 228 11.94 22.52 25.21
CA ALA B 228 10.62 21.90 25.08
C ALA B 228 9.51 22.89 25.49
N ASP B 229 9.71 23.60 26.62
CA ASP B 229 8.77 24.64 27.04
C ASP B 229 8.60 25.77 26.00
N ALA B 230 9.71 26.29 25.48
CA ALA B 230 9.67 27.30 24.45
C ALA B 230 8.96 26.83 23.18
N ALA B 231 9.18 25.57 22.78
CA ALA B 231 8.48 25.00 21.63
C ALA B 231 6.98 24.98 21.84
N LYS B 232 6.54 24.50 23.00
CA LYS B 232 5.12 24.41 23.21
C LYS B 232 4.50 25.79 23.35
N ALA B 233 5.22 26.70 23.92
CA ALA B 233 4.72 28.07 24.09
C ALA B 233 4.35 28.74 22.78
N THR B 234 4.97 28.34 21.66
CA THR B 234 4.60 28.92 20.37
C THR B 234 3.21 28.52 19.88
N MET B 235 2.59 27.48 20.45
CA MET B 235 1.24 27.08 20.06
C MET B 235 0.24 27.19 21.20
N GLU B 236 0.56 27.91 22.24
CA GLU B 236 -0.39 28.15 23.34
C GLU B 236 -1.65 28.87 22.83
N ASN B 237 -1.47 29.88 22.00
CA ASN B 237 -2.52 30.86 21.70
C ASN B 237 -2.73 31.03 20.21
N ARG B 238 -2.12 30.15 19.38
CA ARG B 238 -2.14 30.32 17.93
C ARG B 238 -1.77 28.98 17.29
N GLY B 239 -2.31 28.73 16.08
CA GLY B 239 -1.90 27.55 15.32
C GLY B 239 -1.42 27.98 13.93
N ALA B 240 -1.09 26.95 13.16
CA ALA B 240 -0.58 27.19 11.79
C ALA B 240 -1.71 27.69 10.88
N ASP B 241 -1.34 28.25 9.75
CA ASP B 241 -2.36 28.61 8.73
C ASP B 241 -2.82 27.42 7.92
N ARG B 242 -3.51 26.47 8.54
CA ARG B 242 -3.66 25.15 7.98
C ARG B 242 -4.57 25.17 6.75
N LYS B 243 -5.66 25.93 6.81
CA LYS B 243 -6.52 25.97 5.61
C LYS B 243 -5.81 26.64 4.43
N LEU B 244 -4.97 27.63 4.72
CA LEU B 244 -4.20 28.27 3.65
C LEU B 244 -3.20 27.26 3.06
N TRP B 245 -2.52 26.47 3.90
CA TRP B 245 -1.62 25.45 3.37
C TRP B 245 -2.32 24.43 2.50
N GLU B 246 -3.48 24.00 2.93
CA GLU B 246 -4.20 23.01 2.16
C GLU B 246 -4.49 23.62 0.79
N THR B 247 -4.96 24.87 0.80
CA THR B 247 -5.29 25.53 -0.48
C THR B 247 -4.07 25.65 -1.39
N ILE B 248 -2.95 26.15 -0.83
CA ILE B 248 -1.73 26.27 -1.60
C ILE B 248 -1.27 24.94 -2.21
N CYS B 249 -1.18 23.90 -1.36
CA CYS B 249 -0.60 22.64 -1.76
C CYS B 249 -1.52 21.93 -2.78
N LYS B 250 -2.82 21.99 -2.55
CA LYS B 250 -3.75 21.39 -3.49
C LYS B 250 -3.77 22.17 -4.81
N ASN B 251 -3.68 23.49 -4.72
CA ASN B 251 -3.58 24.32 -5.91
C ASN B 251 -2.44 23.87 -6.80
N PHE B 252 -1.24 23.72 -6.24
CA PHE B 252 -0.14 23.19 -7.01
C PHE B 252 -0.33 21.73 -7.43
N LEU B 253 -0.61 20.85 -6.48
CA LEU B 253 -0.52 19.44 -6.78
C LEU B 253 -1.58 18.97 -7.75
N LYS B 254 -2.75 19.62 -7.72
CA LYS B 254 -3.85 19.20 -8.57
C LYS B 254 -4.08 20.16 -9.74
N GLY B 255 -3.17 21.09 -9.97
CA GLY B 255 -3.22 22.06 -11.06
C GLY B 255 -4.55 22.82 -11.09
N ARG B 256 -4.95 23.36 -9.96
CA ARG B 256 -6.28 23.90 -9.83
C ARG B 256 -6.34 25.35 -10.29
N VAL B 257 -5.20 25.98 -10.39
CA VAL B 257 -5.08 27.39 -10.74
C VAL B 257 -3.93 27.50 -11.72
N PRO B 258 -3.68 28.67 -12.35
CA PRO B 258 -2.54 28.77 -13.22
C PRO B 258 -1.23 28.58 -12.51
N THR B 259 -0.25 28.07 -13.23
CA THR B 259 1.02 27.82 -12.58
C THR B 259 1.74 29.13 -12.36
N ASN B 260 2.57 29.15 -11.34
N ASN B 260 2.60 29.17 -11.34
CA ASN B 260 3.20 30.37 -10.93
CA ASN B 260 3.17 30.38 -10.81
C ASN B 260 4.15 30.94 -12.00
C ASN B 260 4.19 31.03 -11.77
N GLU C . -0.12 -23.09 4.72
CA GLU C . -1.43 -23.48 4.15
C GLU C . -1.34 -24.95 3.69
O GLU C . -2.39 -25.53 3.47
CB GLU C . -1.85 -22.54 3.03
CG GLU C . -1.05 -22.81 1.76
CD GLU C . -1.15 -21.70 0.71
OE1 GLU C . -0.34 -21.74 -0.27
OE2 GLU C . -2.03 -20.80 0.88
OXT GLU C . -0.21 -25.43 3.54
C ACT D . -5.18 -35.66 -10.87
O ACT D . -5.48 -34.91 -9.82
OXT ACT D . -4.43 -35.27 -11.68
CH3 ACT D . -5.63 -37.21 -11.06
C ACT E . -9.53 4.11 -3.29
O ACT E . -9.24 2.95 -2.89
OXT ACT E . -9.91 4.38 -4.46
CH3 ACT E . -9.46 5.26 -2.29
C1 GOL F . 15.90 -34.84 -0.43
O1 GOL F . 16.37 -33.49 -0.47
C2 GOL F . 16.97 -35.84 -0.79
O2 GOL F . 16.70 -37.10 -0.16
C3 GOL F . 17.05 -36.07 -2.28
O3 GOL F . 16.10 -37.08 -2.60
N GLU G . 15.63 14.73 9.11
CA GLU G . 15.41 15.94 8.33
C GLU G . 15.71 17.19 9.19
O GLU G . 15.75 18.29 8.61
CB GLU G . 13.96 15.84 7.88
CG GLU G . 12.98 16.09 9.04
CD GLU G . 11.50 15.92 8.71
OE1 GLU G . 10.61 15.95 9.64
OE2 GLU G . 11.24 15.73 7.49
OXT GLU G . 15.79 17.03 10.43
C ACT H . 8.54 33.40 14.16
O ACT H . 7.45 33.29 14.66
OXT ACT H . 9.05 32.43 13.35
CH3 ACT H . 9.25 34.80 14.49
#